data_8C25
#
_entry.id   8C25
#
_cell.length_a   125.120
_cell.length_b   125.120
_cell.length_c   125.120
_cell.angle_alpha   90.00
_cell.angle_beta   90.00
_cell.angle_gamma   90.00
#
_symmetry.space_group_name_H-M   'P 21 3'
#
loop_
_entity.id
_entity.type
_entity.pdbx_description
1 polymer 'Purine nucleoside phosphorylase'
2 non-polymer '[(~{E})-2-[4-methoxy-2-[(4-oxidanylidene-3,5-dihydropyrrolo[3,2-d]pyrimidin-7-yl)sulfanyl]phenyl]ethenyl]phosphonic acid'
3 non-polymer GLYCEROL
4 non-polymer 'CHLORIDE ION'
5 non-polymer 'SODIUM ION'
6 water water
#
_entity_poly.entity_id   1
_entity_poly.type   'polypeptide(L)'
_entity_poly.pdbx_seq_one_letter_code
;VADPRPDPDELARRAAQVIADRTGIGEHDVAVVLGSGWLPAVAALGSPTTVLPQAELPGFVPPTAAGHAGELLSVPIGAH
RVLVLAGRIHAYEGHDLRYVVHPVRAARAAGAQIMVLTNAAGGLRADLQVGQPVLISDHLNLTARSPLVGGEFVDLTDAY
SPRLRELARQSDPQLAEGVYAGLPGPHYETPAEIRMLQTLGADLVGMSTVHETIAARAAGAEVLGVSLVTNLAAGITGEP
LSHAEVLAAGAASATRMGALLADVIARF
;
_entity_poly.pdbx_strand_id   A,B
#
loop_
_chem_comp.id
_chem_comp.type
_chem_comp.name
_chem_comp.formula
CL non-polymer 'CHLORIDE ION' 'Cl -1'
GOL non-polymer GLYCEROL 'C3 H8 O3'
JU9 non-polymer '[(~{E})-2-[4-methoxy-2-[(4-oxidanylidene-3,5-dihydropyrrolo[3,2-d]pyrimidin-7-yl)sulfanyl]phenyl]ethenyl]phosphonic acid' 'C15 H14 N3 O5 P S'
NA non-polymer 'SODIUM ION' 'Na 1'
#
# COMPACT_ATOMS: atom_id res chain seq x y z
N ASP A 7 21.15 -37.96 1.96
CA ASP A 7 20.49 -37.46 0.74
C ASP A 7 19.27 -36.65 1.21
N PRO A 8 19.02 -35.42 0.71
CA PRO A 8 17.89 -34.61 1.22
C PRO A 8 16.54 -35.23 0.90
N ASP A 9 16.39 -35.81 -0.29
CA ASP A 9 15.16 -36.46 -0.69
C ASP A 9 14.85 -37.62 0.24
N GLU A 10 15.88 -38.41 0.56
CA GLU A 10 15.70 -39.58 1.42
C GLU A 10 15.31 -39.15 2.83
N LEU A 11 15.93 -38.10 3.35
CA LEU A 11 15.60 -37.65 4.70
C LEU A 11 14.15 -37.13 4.68
N ALA A 12 13.76 -36.46 3.58
CA ALA A 12 12.39 -35.92 3.48
C ALA A 12 11.36 -37.07 3.46
N ARG A 13 11.66 -38.17 2.73
CA ARG A 13 10.76 -39.32 2.67
C ARG A 13 10.68 -40.02 4.03
N ARG A 14 11.81 -40.17 4.73
CA ARG A 14 11.83 -40.77 6.07
C ARG A 14 11.01 -39.90 7.03
N ALA A 15 11.17 -38.57 6.94
CA ALA A 15 10.39 -37.71 7.83
C ALA A 15 8.90 -37.82 7.54
N ALA A 16 8.52 -37.83 6.26
CA ALA A 16 7.12 -37.93 5.89
C ALA A 16 6.53 -39.26 6.39
N GLN A 17 7.33 -40.35 6.38
CA GLN A 17 6.81 -41.63 6.88
C GLN A 17 6.57 -41.55 8.39
N VAL A 18 7.49 -40.92 9.16
CA VAL A 18 7.27 -40.75 10.58
C VAL A 18 6.01 -39.90 10.82
N ILE A 19 5.87 -38.82 10.03
CA ILE A 19 4.70 -37.96 10.16
C ILE A 19 3.41 -38.75 9.94
N ALA A 20 3.33 -39.54 8.84
CA ALA A 20 2.14 -40.34 8.58
C ALA A 20 1.86 -41.31 9.75
N ASP A 21 2.91 -41.96 10.24
CA ASP A 21 2.76 -42.97 11.29
C ASP A 21 2.26 -42.33 12.59
N ARG A 22 2.84 -41.18 12.96
CA ARG A 22 2.56 -40.56 14.24
C ARG A 22 1.27 -39.76 14.22
N THR A 23 0.90 -39.19 13.05
CA THR A 23 -0.39 -38.50 12.96
C THR A 23 -1.54 -39.46 12.64
N GLY A 24 -1.23 -40.65 12.14
CA GLY A 24 -2.27 -41.50 11.61
C GLY A 24 -2.95 -40.97 10.35
N ILE A 25 -2.36 -39.97 9.69
CA ILE A 25 -2.93 -39.42 8.47
C ILE A 25 -1.93 -39.66 7.34
N GLY A 26 -2.39 -40.32 6.29
CA GLY A 26 -1.53 -40.75 5.21
C GLY A 26 -1.03 -39.62 4.29
N GLU A 27 -1.77 -38.51 4.16
CA GLU A 27 -1.41 -37.37 3.30
C GLU A 27 -1.92 -36.06 3.91
N HIS A 28 -1.02 -35.08 4.02
CA HIS A 28 -1.38 -33.72 4.36
C HIS A 28 -1.27 -32.87 3.08
N ASP A 29 -2.33 -32.22 2.69
CA ASP A 29 -2.37 -31.56 1.38
C ASP A 29 -1.90 -30.10 1.40
N VAL A 30 -1.73 -29.51 2.60
CA VAL A 30 -1.32 -28.12 2.76
C VAL A 30 -0.30 -28.06 3.88
N ALA A 31 0.72 -27.18 3.77
CA ALA A 31 1.61 -26.95 4.90
C ALA A 31 1.71 -25.45 5.11
N VAL A 32 1.93 -25.07 6.39
CA VAL A 32 2.05 -23.68 6.83
C VAL A 32 3.32 -23.59 7.65
N VAL A 33 4.19 -22.59 7.38
CA VAL A 33 5.35 -22.34 8.21
C VAL A 33 5.13 -21.03 8.99
N LEU A 34 5.14 -21.13 10.32
CA LEU A 34 5.05 -19.99 11.21
C LEU A 34 6.39 -19.74 11.88
N GLY A 35 6.88 -18.50 11.79
CA GLY A 35 8.03 -18.10 12.56
C GLY A 35 7.68 -16.89 13.42
N SER A 36 8.73 -16.28 13.97
CA SER A 36 8.59 -15.12 14.84
C SER A 36 7.61 -14.15 14.20
N GLY A 37 6.66 -13.64 15.03
CA GLY A 37 5.63 -12.78 14.52
C GLY A 37 4.30 -13.48 14.33
N TRP A 38 4.38 -14.80 14.10
CA TRP A 38 3.22 -15.58 13.71
C TRP A 38 2.88 -16.72 14.69
N LEU A 39 3.78 -17.07 15.61
CA LEU A 39 3.52 -18.23 16.48
C LEU A 39 2.23 -18.01 17.28
N PRO A 40 1.91 -16.81 17.79
CA PRO A 40 0.65 -16.65 18.54
C PRO A 40 -0.59 -17.00 17.74
N ALA A 41 -0.54 -16.89 16.40
CA ALA A 41 -1.69 -17.10 15.52
C ALA A 41 -2.15 -18.57 15.54
N VAL A 42 -1.32 -19.50 15.99
CA VAL A 42 -1.69 -20.92 16.05
C VAL A 42 -3.01 -21.10 16.77
N ALA A 43 -3.24 -20.35 17.86
CA ALA A 43 -4.40 -20.59 18.70
C ALA A 43 -5.70 -20.23 17.97
N ALA A 44 -5.67 -19.32 17.00
CA ALA A 44 -6.84 -18.98 16.21
C ALA A 44 -6.91 -19.76 14.90
N LEU A 45 -5.83 -20.39 14.50
CA LEU A 45 -5.79 -21.12 13.23
C LEU A 45 -6.63 -22.41 13.28
N GLY A 46 -6.56 -23.12 14.40
CA GLY A 46 -7.30 -24.39 14.51
C GLY A 46 -6.84 -25.14 15.76
N SER A 47 -7.33 -26.36 15.94
CA SER A 47 -7.04 -27.21 17.10
C SER A 47 -6.25 -28.41 16.63
N PRO A 48 -4.93 -28.52 16.91
CA PRO A 48 -4.15 -29.64 16.43
C PRO A 48 -4.69 -30.98 16.91
N THR A 49 -4.65 -31.98 16.02
CA THR A 49 -4.97 -33.35 16.40
C THR A 49 -3.73 -34.12 16.81
N THR A 50 -2.53 -33.69 16.38
CA THR A 50 -1.27 -34.24 16.81
C THR A 50 -0.29 -33.09 16.96
N VAL A 51 0.50 -33.12 18.03
CA VAL A 51 1.58 -32.17 18.27
C VAL A 51 2.87 -32.96 18.45
N LEU A 52 3.88 -32.69 17.61
CA LEU A 52 5.16 -33.41 17.66
C LEU A 52 6.29 -32.39 17.86
N PRO A 53 7.24 -32.62 18.74
CA PRO A 53 8.47 -31.82 18.75
C PRO A 53 9.25 -32.01 17.45
N GLN A 54 9.69 -30.91 16.82
CA GLN A 54 10.54 -31.03 15.65
C GLN A 54 11.76 -31.90 15.92
N ALA A 55 12.30 -31.85 17.13
CA ALA A 55 13.52 -32.57 17.49
C ALA A 55 13.33 -34.08 17.45
N GLU A 56 12.09 -34.58 17.42
CA GLU A 56 11.86 -36.00 17.35
C GLU A 56 11.76 -36.47 15.89
N LEU A 57 11.79 -35.55 14.90
CA LEU A 57 11.55 -35.92 13.52
C LEU A 57 12.85 -35.91 12.72
N PRO A 58 13.06 -36.93 11.89
CA PRO A 58 14.33 -37.03 11.14
C PRO A 58 14.60 -35.76 10.33
N GLY A 59 15.81 -35.24 10.55
CA GLY A 59 16.36 -34.21 9.68
C GLY A 59 15.96 -32.78 10.06
N PHE A 60 15.08 -32.59 11.07
CA PHE A 60 14.60 -31.24 11.35
C PHE A 60 15.60 -30.37 12.13
N VAL A 61 16.29 -30.95 13.11
CA VAL A 61 17.01 -30.15 14.08
C VAL A 61 18.49 -30.56 14.06
N PRO A 62 19.41 -29.58 13.88
CA PRO A 62 20.84 -29.87 13.92
C PRO A 62 21.23 -30.47 15.26
N PRO A 63 22.10 -31.51 15.25
CA PRO A 63 22.72 -32.03 16.47
C PRO A 63 23.22 -30.93 17.43
N THR A 64 23.68 -29.80 16.88
CA THR A 64 24.30 -28.73 17.66
C THR A 64 23.39 -28.26 18.81
N ALA A 65 22.14 -27.85 18.56
CA ALA A 65 21.25 -27.41 19.65
C ALA A 65 19.81 -27.84 19.38
N ALA A 66 19.25 -28.70 20.28
CA ALA A 66 17.90 -29.24 20.12
C ALA A 66 16.89 -28.56 21.05
N GLY A 67 17.38 -27.63 21.88
CA GLY A 67 16.63 -27.09 23.00
C GLY A 67 15.77 -25.86 22.64
N HIS A 68 15.88 -25.37 21.39
CA HIS A 68 15.15 -24.18 21.01
C HIS A 68 14.17 -24.45 19.87
N ALA A 69 14.16 -25.68 19.33
CA ALA A 69 13.27 -25.98 18.22
C ALA A 69 11.79 -26.07 18.65
N GLY A 70 10.90 -25.76 17.72
CA GLY A 70 9.47 -25.79 17.98
C GLY A 70 8.80 -27.13 17.64
N GLU A 71 7.55 -27.00 17.20
CA GLU A 71 6.66 -28.14 17.00
C GLU A 71 6.28 -28.32 15.53
N LEU A 72 5.82 -29.54 15.24
CA LEU A 72 5.07 -29.81 14.02
CA LEU A 72 5.07 -29.81 14.02
C LEU A 72 3.66 -30.20 14.45
N LEU A 73 2.65 -29.53 13.89
CA LEU A 73 1.25 -29.76 14.21
C LEU A 73 0.54 -30.34 13.00
N SER A 74 -0.42 -31.23 13.27
CA SER A 74 -1.39 -31.68 12.28
C SER A 74 -2.74 -31.07 12.62
N VAL A 75 -3.26 -30.20 11.74
CA VAL A 75 -4.43 -29.38 12.02
C VAL A 75 -5.43 -29.56 10.86
N PRO A 76 -6.70 -29.90 11.15
CA PRO A 76 -7.76 -29.88 10.14
C PRO A 76 -8.25 -28.45 9.94
N ILE A 77 -8.17 -27.94 8.70
CA ILE A 77 -8.56 -26.56 8.37
C ILE A 77 -9.43 -26.67 7.14
N GLY A 78 -10.71 -26.29 7.29
CA GLY A 78 -11.69 -26.66 6.28
C GLY A 78 -11.70 -28.18 6.06
N ALA A 79 -11.60 -28.60 4.78
CA ALA A 79 -11.54 -30.01 4.40
C ALA A 79 -10.08 -30.51 4.22
N HIS A 80 -9.11 -29.68 4.62
CA HIS A 80 -7.71 -30.04 4.43
C HIS A 80 -7.12 -30.63 5.68
N ARG A 81 -6.03 -31.33 5.53
CA ARG A 81 -5.21 -31.79 6.63
C ARG A 81 -3.88 -31.05 6.50
N VAL A 82 -3.61 -30.16 7.45
CA VAL A 82 -2.56 -29.14 7.31
C VAL A 82 -1.42 -29.45 8.25
N LEU A 83 -0.19 -29.52 7.71
CA LEU A 83 0.97 -29.58 8.54
C LEU A 83 1.43 -28.16 8.87
N VAL A 84 1.51 -27.85 10.16
CA VAL A 84 1.90 -26.52 10.60
C VAL A 84 3.25 -26.62 11.30
N LEU A 85 4.29 -26.01 10.71
N LEU A 85 4.24 -25.94 10.73
CA LEU A 85 5.59 -25.94 11.36
CA LEU A 85 5.56 -25.86 11.33
C LEU A 85 5.59 -24.71 12.27
C LEU A 85 5.57 -24.67 12.28
N ALA A 86 5.52 -24.94 13.58
CA ALA A 86 5.43 -23.90 14.58
C ALA A 86 6.83 -23.63 15.09
N GLY A 87 7.55 -22.79 14.29
CA GLY A 87 8.93 -22.46 14.54
C GLY A 87 9.85 -22.88 13.39
N ARG A 88 10.71 -21.94 12.99
CA ARG A 88 11.75 -22.18 12.00
C ARG A 88 13.13 -22.24 12.61
N ILE A 89 14.04 -22.98 11.96
CA ILE A 89 15.46 -22.88 12.24
C ILE A 89 16.03 -21.91 11.20
N HIS A 90 16.37 -20.66 11.60
CA HIS A 90 16.70 -19.64 10.63
C HIS A 90 18.12 -19.83 10.12
N ALA A 91 18.38 -19.29 8.93
CA ALA A 91 19.73 -19.34 8.37
C ALA A 91 20.72 -18.69 9.34
N TYR A 92 20.30 -17.68 10.09
CA TYR A 92 21.23 -16.95 10.94
C TYR A 92 21.68 -17.78 12.14
N GLU A 93 21.10 -18.99 12.36
CA GLU A 93 21.64 -19.91 13.35
C GLU A 93 22.98 -20.51 12.92
N GLY A 94 23.31 -20.41 11.62
CA GLY A 94 24.63 -20.75 11.12
C GLY A 94 24.72 -22.19 10.61
N HIS A 95 23.60 -22.86 10.37
CA HIS A 95 23.70 -24.27 9.93
C HIS A 95 23.37 -24.33 8.44
N ASP A 96 23.67 -25.47 7.81
CA ASP A 96 23.48 -25.67 6.37
C ASP A 96 22.04 -25.30 6.03
N LEU A 97 21.81 -24.92 4.76
CA LEU A 97 20.44 -24.59 4.39
C LEU A 97 19.54 -25.83 4.41
N ARG A 98 20.11 -27.06 4.44
CA ARG A 98 19.23 -28.22 4.38
C ARG A 98 18.25 -28.17 5.55
N TYR A 99 18.67 -27.62 6.68
CA TYR A 99 17.78 -27.48 7.82
C TYR A 99 16.70 -26.42 7.64
N VAL A 100 17.04 -25.38 6.88
CA VAL A 100 16.08 -24.38 6.54
C VAL A 100 14.98 -24.96 5.69
N VAL A 101 15.33 -25.74 4.66
CA VAL A 101 14.33 -26.14 3.68
C VAL A 101 13.85 -27.59 3.91
N HIS A 102 14.47 -28.32 4.83
CA HIS A 102 14.01 -29.69 5.05
C HIS A 102 12.53 -29.75 5.40
N PRO A 103 11.96 -28.85 6.24
CA PRO A 103 10.52 -28.88 6.52
C PRO A 103 9.60 -28.80 5.30
N VAL A 104 9.94 -27.95 4.32
CA VAL A 104 9.23 -27.86 3.05
C VAL A 104 9.33 -29.18 2.31
N ARG A 105 10.55 -29.76 2.23
CA ARG A 105 10.75 -30.98 1.48
C ARG A 105 10.01 -32.15 2.13
N ALA A 106 10.05 -32.21 3.47
CA ALA A 106 9.30 -33.23 4.23
C ALA A 106 7.81 -33.06 4.03
N ALA A 107 7.33 -31.80 4.10
CA ALA A 107 5.91 -31.54 3.88
C ALA A 107 5.47 -31.96 2.49
N ARG A 108 6.29 -31.68 1.45
CA ARG A 108 5.96 -32.10 0.10
C ARG A 108 5.84 -33.65 0.06
N ALA A 109 6.82 -34.33 0.64
CA ALA A 109 6.85 -35.79 0.65
C ALA A 109 5.63 -36.37 1.40
N ALA A 110 5.06 -35.57 2.31
CA ALA A 110 3.85 -35.95 3.03
C ALA A 110 2.57 -35.63 2.25
N GLY A 111 2.67 -35.00 1.07
CA GLY A 111 1.52 -34.75 0.24
C GLY A 111 1.21 -33.27 0.03
N ALA A 112 1.97 -32.35 0.62
CA ALA A 112 1.58 -30.94 0.55
C ALA A 112 1.74 -30.39 -0.87
N GLN A 113 0.66 -29.86 -1.43
CA GLN A 113 0.61 -29.26 -2.76
C GLN A 113 0.77 -27.75 -2.69
N ILE A 114 0.49 -27.16 -1.53
CA ILE A 114 0.54 -25.72 -1.29
C ILE A 114 1.30 -25.51 0.02
N MET A 115 2.25 -24.55 0.00
CA MET A 115 3.01 -24.10 1.16
C MET A 115 2.58 -22.65 1.44
N VAL A 116 2.13 -22.39 2.66
CA VAL A 116 1.87 -21.02 3.12
C VAL A 116 3.04 -20.61 4.02
N LEU A 117 3.84 -19.63 3.55
CA LEU A 117 5.05 -19.22 4.24
C LEU A 117 4.78 -17.85 4.82
N THR A 118 4.78 -17.77 6.18
CA THR A 118 4.56 -16.51 6.87
C THR A 118 5.90 -15.97 7.35
N ASN A 119 5.95 -14.64 7.54
CA ASN A 119 7.14 -14.04 8.12
C ASN A 119 6.82 -12.68 8.73
N ALA A 120 7.72 -12.22 9.57
CA ALA A 120 7.72 -10.85 10.06
C ALA A 120 8.57 -10.01 9.12
N ALA A 121 8.26 -8.72 8.98
CA ALA A 121 9.03 -7.88 8.10
C ALA A 121 9.01 -6.44 8.59
N GLY A 122 10.09 -5.73 8.21
CA GLY A 122 10.12 -4.29 8.29
C GLY A 122 9.53 -3.70 7.01
N GLY A 123 8.74 -2.64 7.17
CA GLY A 123 8.08 -1.98 6.06
C GLY A 123 8.95 -0.90 5.44
N LEU A 124 9.22 -1.00 4.14
CA LEU A 124 9.97 0.04 3.47
C LEU A 124 9.04 1.03 2.75
N ARG A 125 7.80 0.62 2.42
CA ARG A 125 6.94 1.41 1.55
CA ARG A 125 6.84 1.44 1.70
C ARG A 125 6.05 2.36 2.31
C ARG A 125 6.22 2.22 2.87
N ALA A 126 5.73 3.48 1.63
N ALA A 126 6.45 3.56 2.95
CA ALA A 126 5.09 4.66 2.22
CA ALA A 126 6.26 4.33 4.19
C ALA A 126 3.75 4.33 2.88
C ALA A 126 4.79 4.40 4.66
N ASP A 127 3.02 3.39 2.25
N ASP A 127 3.85 3.97 3.82
CA ASP A 127 1.66 3.05 2.69
CA ASP A 127 2.44 4.05 4.20
C ASP A 127 1.58 2.16 3.96
C ASP A 127 2.02 2.76 4.89
N LEU A 128 2.67 1.52 4.45
N LEU A 128 2.96 1.79 4.93
CA LEU A 128 2.55 0.44 5.46
CA LEU A 128 2.61 0.50 5.51
C LEU A 128 2.48 0.82 6.97
N GLN A 129 1.73 -0.01 7.73
CA GLN A 129 1.50 0.18 9.14
C GLN A 129 1.89 -1.04 9.92
N VAL A 130 2.31 -0.83 11.18
CA VAL A 130 2.52 -1.93 12.11
C VAL A 130 1.23 -2.69 12.32
N GLY A 131 1.31 -4.03 12.24
CA GLY A 131 0.24 -4.98 12.38
C GLY A 131 -0.47 -5.32 11.05
N GLN A 132 0.02 -4.71 9.94
CA GLN A 132 -0.61 -4.91 8.64
C GLN A 132 -0.07 -6.18 8.00
N PRO A 133 -0.95 -7.08 7.53
CA PRO A 133 -0.53 -8.20 6.72
C PRO A 133 -0.35 -7.73 5.28
N VAL A 134 0.65 -8.28 4.60
CA VAL A 134 0.98 -7.93 3.23
C VAL A 134 1.30 -9.23 2.49
N LEU A 135 0.62 -9.46 1.37
CA LEU A 135 0.92 -10.59 0.51
C LEU A 135 2.23 -10.36 -0.22
N ILE A 136 3.01 -11.42 -0.38
CA ILE A 136 4.29 -11.33 -1.06
C ILE A 136 4.01 -11.57 -2.52
N SER A 137 4.30 -10.57 -3.37
CA SER A 137 4.10 -10.73 -4.81
C SER A 137 5.35 -11.27 -5.50
N ASP A 138 6.52 -11.02 -4.90
CA ASP A 138 7.78 -11.48 -5.45
C ASP A 138 8.82 -11.29 -4.36
N HIS A 139 10.06 -11.81 -4.59
CA HIS A 139 11.12 -11.58 -3.63
C HIS A 139 12.43 -11.19 -4.29
N LEU A 140 13.31 -10.65 -3.42
CA LEU A 140 14.71 -10.44 -3.71
C LEU A 140 15.50 -11.32 -2.74
N ASN A 141 16.20 -12.31 -3.26
CA ASN A 141 17.10 -13.12 -2.46
C ASN A 141 18.46 -12.42 -2.40
N LEU A 142 18.75 -11.79 -1.24
CA LEU A 142 20.00 -11.03 -1.04
C LEU A 142 20.94 -11.75 -0.08
N THR A 143 20.87 -13.09 -0.09
CA THR A 143 21.68 -13.91 0.80
C THR A 143 22.95 -14.43 0.13
N ALA A 144 23.03 -14.37 -1.21
CA ALA A 144 24.12 -14.95 -2.00
C ALA A 144 24.17 -16.48 -1.83
N ARG A 145 23.01 -17.09 -1.48
CA ARG A 145 22.92 -18.54 -1.32
C ARG A 145 21.70 -19.09 -2.07
N SER A 146 21.74 -20.40 -2.26
CA SER A 146 20.59 -21.15 -2.76
C SER A 146 20.49 -22.43 -1.96
N PRO A 147 19.26 -22.97 -1.77
CA PRO A 147 19.14 -24.30 -1.15
C PRO A 147 19.29 -25.43 -2.17
N LEU A 148 19.36 -25.11 -3.47
CA LEU A 148 19.48 -26.10 -4.52
C LEU A 148 20.97 -26.35 -4.76
N VAL A 149 21.33 -27.63 -4.85
CA VAL A 149 22.74 -28.02 -4.81
C VAL A 149 22.93 -28.99 -5.95
N GLY A 150 23.91 -28.66 -6.80
CA GLY A 150 24.09 -29.29 -8.09
C GLY A 150 23.11 -28.73 -9.10
N GLY A 151 22.88 -29.55 -10.15
CA GLY A 151 22.06 -29.21 -11.29
C GLY A 151 20.59 -29.46 -11.06
N GLU A 152 19.98 -28.62 -10.19
CA GLU A 152 18.55 -28.50 -9.94
C GLU A 152 18.08 -27.09 -10.29
N PHE A 153 17.38 -26.99 -11.41
CA PHE A 153 17.13 -25.74 -12.03
C PHE A 153 15.66 -25.55 -11.67
N VAL A 154 15.33 -24.30 -11.38
CA VAL A 154 13.92 -23.97 -11.20
C VAL A 154 13.64 -22.55 -11.71
N ASP A 155 12.56 -22.40 -12.46
CA ASP A 155 12.02 -21.10 -12.84
C ASP A 155 11.23 -20.50 -11.66
N LEU A 156 11.52 -19.23 -11.35
CA LEU A 156 10.86 -18.48 -10.29
C LEU A 156 9.89 -17.41 -10.79
N THR A 157 9.46 -17.47 -12.07
CA THR A 157 8.35 -16.65 -12.54
CA THR A 157 8.36 -16.61 -12.50
C THR A 157 7.09 -17.11 -11.80
N ASP A 158 6.33 -16.18 -11.27
CA ASP A 158 5.11 -16.55 -10.53
C ASP A 158 5.42 -17.53 -9.39
N ALA A 159 6.59 -17.35 -8.74
CA ALA A 159 6.90 -18.16 -7.57
C ALA A 159 5.80 -18.02 -6.49
N TYR A 160 5.31 -16.81 -6.29
CA TYR A 160 4.25 -16.54 -5.34
C TYR A 160 2.95 -16.58 -6.15
N SER A 161 2.35 -17.77 -6.16
CA SER A 161 1.23 -18.09 -7.05
C SER A 161 0.24 -16.95 -7.18
N PRO A 162 -0.01 -16.41 -8.37
CA PRO A 162 -1.08 -15.41 -8.54
C PRO A 162 -2.46 -15.92 -8.12
N ARG A 163 -2.71 -17.20 -8.40
CA ARG A 163 -3.97 -17.88 -8.06
C ARG A 163 -4.22 -17.81 -6.55
N LEU A 164 -3.17 -18.09 -5.75
CA LEU A 164 -3.34 -18.11 -4.31
C LEU A 164 -3.48 -16.71 -3.74
N ARG A 165 -2.79 -15.71 -4.32
CA ARG A 165 -2.96 -14.33 -3.88
CA ARG A 165 -2.95 -14.33 -3.89
C ARG A 165 -4.37 -13.83 -4.18
N GLU A 166 -4.98 -14.29 -5.29
CA GLU A 166 -6.37 -13.99 -5.61
CA GLU A 166 -6.36 -13.93 -5.57
C GLU A 166 -7.30 -14.58 -4.54
N LEU A 167 -7.05 -15.81 -4.13
CA LEU A 167 -7.86 -16.42 -3.06
C LEU A 167 -7.73 -15.61 -1.79
N ALA A 168 -6.52 -15.15 -1.44
CA ALA A 168 -6.34 -14.38 -0.22
C ALA A 168 -7.10 -13.06 -0.29
N ARG A 169 -7.14 -12.44 -1.47
CA ARG A 169 -7.90 -11.21 -1.65
C ARG A 169 -9.41 -11.47 -1.58
N GLN A 170 -9.87 -12.70 -1.76
CA GLN A 170 -11.27 -12.99 -1.48
C GLN A 170 -11.52 -12.90 0.02
N SER A 171 -10.55 -13.36 0.84
CA SER A 171 -10.68 -13.26 2.27
CA SER A 171 -10.66 -13.27 2.29
C SER A 171 -10.63 -11.81 2.73
N ASP A 172 -9.77 -11.00 2.10
CA ASP A 172 -9.69 -9.59 2.43
C ASP A 172 -9.29 -8.79 1.21
N PRO A 173 -10.27 -8.18 0.52
CA PRO A 173 -10.02 -7.52 -0.76
C PRO A 173 -9.13 -6.30 -0.73
N GLN A 174 -8.82 -5.79 0.46
CA GLN A 174 -7.96 -4.63 0.65
C GLN A 174 -6.51 -5.05 0.93
N LEU A 175 -6.19 -6.35 0.98
CA LEU A 175 -4.81 -6.77 1.23
C LEU A 175 -3.85 -6.10 0.24
N ALA A 176 -2.83 -5.44 0.83
CA ALA A 176 -1.67 -4.98 0.04
C ALA A 176 -0.83 -6.18 -0.39
N GLU A 177 0.00 -5.93 -1.43
CA GLU A 177 0.97 -6.90 -1.89
C GLU A 177 2.28 -6.16 -2.15
N GLY A 178 3.40 -6.84 -1.99
CA GLY A 178 4.68 -6.19 -2.24
C GLY A 178 5.84 -7.19 -2.31
N VAL A 179 7.01 -6.61 -2.62
CA VAL A 179 8.24 -7.39 -2.82
C VAL A 179 9.01 -7.50 -1.51
N TYR A 180 9.31 -8.73 -1.14
CA TYR A 180 10.04 -9.05 0.08
C TYR A 180 11.52 -9.27 -0.21
N ALA A 181 12.40 -8.58 0.53
CA ALA A 181 13.84 -8.76 0.45
C ALA A 181 14.23 -9.68 1.59
N GLY A 182 14.80 -10.84 1.26
CA GLY A 182 15.34 -11.78 2.25
C GLY A 182 16.84 -11.56 2.45
N LEU A 183 17.18 -11.18 3.70
CA LEU A 183 18.57 -10.93 4.08
C LEU A 183 19.01 -12.00 5.06
N PRO A 184 20.34 -12.13 5.29
CA PRO A 184 20.81 -13.16 6.22
C PRO A 184 20.36 -12.92 7.66
N GLY A 185 20.43 -11.66 8.10
CA GLY A 185 20.28 -11.34 9.51
C GLY A 185 21.48 -11.86 10.31
N PRO A 186 21.44 -11.85 11.65
CA PRO A 186 20.29 -11.42 12.46
C PRO A 186 20.27 -9.97 12.93
N HIS A 187 21.29 -9.17 12.55
CA HIS A 187 21.28 -7.76 12.82
C HIS A 187 20.23 -7.08 11.96
N TYR A 188 19.66 -5.99 12.48
CA TYR A 188 18.85 -5.09 11.70
C TYR A 188 19.70 -4.33 10.70
N GLU A 189 19.03 -3.76 9.70
CA GLU A 189 19.74 -2.99 8.68
C GLU A 189 20.08 -1.59 9.15
N THR A 190 21.17 -1.01 8.61
CA THR A 190 21.39 0.41 8.78
C THR A 190 20.41 1.23 7.95
N PRO A 191 20.20 2.52 8.28
CA PRO A 191 19.41 3.41 7.41
C PRO A 191 19.93 3.46 5.98
N ALA A 192 21.26 3.42 5.81
CA ALA A 192 21.82 3.46 4.47
C ALA A 192 21.45 2.17 3.71
N GLU A 193 21.47 1.05 4.41
CA GLU A 193 21.08 -0.23 3.81
C GLU A 193 19.61 -0.15 3.38
N ILE A 194 18.75 0.45 4.20
CA ILE A 194 17.33 0.55 3.84
C ILE A 194 17.16 1.44 2.62
N ARG A 195 17.89 2.55 2.52
CA ARG A 195 17.79 3.38 1.31
C ARG A 195 18.23 2.56 0.06
N MET A 196 19.27 1.74 0.24
CA MET A 196 19.70 0.85 -0.82
C MET A 196 18.58 -0.14 -1.23
N LEU A 197 17.96 -0.79 -0.23
CA LEU A 197 16.87 -1.73 -0.53
C LEU A 197 15.72 -1.05 -1.26
N GLN A 198 15.42 0.22 -0.93
CA GLN A 198 14.38 0.96 -1.66
C GLN A 198 14.77 1.07 -3.14
N THR A 199 16.03 1.42 -3.41
CA THR A 199 16.56 1.48 -4.77
C THR A 199 16.38 0.14 -5.51
N LEU A 200 16.63 -0.96 -4.79
CA LEU A 200 16.59 -2.29 -5.37
C LEU A 200 15.16 -2.81 -5.59
N GLY A 201 14.16 -2.09 -5.11
CA GLY A 201 12.76 -2.38 -5.32
C GLY A 201 12.05 -3.16 -4.20
N ALA A 202 12.61 -3.25 -3.00
CA ALA A 202 12.00 -3.95 -1.86
C ALA A 202 10.90 -3.08 -1.26
N ASP A 203 9.79 -3.72 -0.88
CA ASP A 203 8.72 -3.11 -0.06
C ASP A 203 8.77 -3.57 1.39
N LEU A 204 9.33 -4.77 1.64
CA LEU A 204 9.39 -5.47 2.91
C LEU A 204 10.80 -6.03 3.06
N VAL A 205 11.31 -6.12 4.30
CA VAL A 205 12.62 -6.68 4.56
C VAL A 205 12.53 -7.66 5.73
N GLY A 206 13.14 -8.84 5.56
CA GLY A 206 13.13 -9.83 6.63
C GLY A 206 14.31 -10.80 6.51
N MET A 207 14.21 -11.89 7.29
CA MET A 207 15.34 -12.78 7.55
C MET A 207 15.01 -14.24 7.24
N SER A 208 14.01 -14.50 6.40
CA SER A 208 13.58 -15.87 6.14
C SER A 208 13.06 -16.01 4.71
N THR A 209 12.36 -17.14 4.47
CA THR A 209 11.37 -17.31 3.41
C THR A 209 11.96 -17.62 2.02
N VAL A 210 12.94 -16.83 1.56
CA VAL A 210 13.37 -16.94 0.18
C VAL A 210 13.84 -18.35 -0.20
N HIS A 211 14.58 -19.04 0.68
CA HIS A 211 15.03 -20.40 0.37
C HIS A 211 13.87 -21.39 0.42
N GLU A 212 12.94 -21.21 1.37
CA GLU A 212 11.77 -22.04 1.46
C GLU A 212 10.94 -21.95 0.16
N THR A 213 10.78 -20.73 -0.35
CA THR A 213 10.07 -20.55 -1.61
C THR A 213 10.77 -21.27 -2.76
N ILE A 214 12.09 -21.11 -2.85
CA ILE A 214 12.86 -21.77 -3.91
C ILE A 214 12.72 -23.28 -3.84
N ALA A 215 12.89 -23.85 -2.65
CA ALA A 215 12.78 -25.30 -2.46
C ALA A 215 11.37 -25.78 -2.75
N ALA A 216 10.36 -25.01 -2.36
CA ALA A 216 8.98 -25.36 -2.63
C ALA A 216 8.69 -25.45 -4.13
N ARG A 217 9.12 -24.45 -4.88
CA ARG A 217 8.94 -24.42 -6.31
C ARG A 217 9.70 -25.53 -6.98
N ALA A 218 10.93 -25.82 -6.52
CA ALA A 218 11.72 -26.89 -7.10
C ALA A 218 11.04 -28.26 -6.88
N ALA A 219 10.33 -28.40 -5.76
CA ALA A 219 9.60 -29.61 -5.39
C ALA A 219 8.22 -29.71 -6.05
N GLY A 220 7.76 -28.65 -6.73
CA GLY A 220 6.50 -28.61 -7.47
C GLY A 220 5.29 -28.13 -6.65
N ALA A 221 5.50 -27.51 -5.51
CA ALA A 221 4.41 -26.94 -4.70
C ALA A 221 4.15 -25.51 -5.09
N GLU A 222 2.89 -25.07 -4.95
CA GLU A 222 2.52 -23.66 -5.02
C GLU A 222 2.79 -23.01 -3.67
N VAL A 223 3.09 -21.71 -3.70
CA VAL A 223 3.47 -20.94 -2.53
C VAL A 223 2.58 -19.71 -2.41
N LEU A 224 2.10 -19.48 -1.18
CA LEU A 224 1.52 -18.23 -0.75
C LEU A 224 2.43 -17.69 0.36
N GLY A 225 2.87 -16.42 0.18
CA GLY A 225 3.69 -15.73 1.18
C GLY A 225 2.93 -14.59 1.83
N VAL A 226 3.01 -14.49 3.17
CA VAL A 226 2.34 -13.43 3.90
C VAL A 226 3.31 -12.91 4.95
N SER A 227 3.56 -11.60 4.86
CA SER A 227 4.34 -10.85 5.82
C SER A 227 3.40 -10.16 6.82
N LEU A 228 3.84 -10.06 8.08
CA LEU A 228 3.27 -9.14 9.04
C LEU A 228 4.27 -8.00 9.25
N VAL A 229 3.84 -6.75 8.96
CA VAL A 229 4.69 -5.61 9.19
C VAL A 229 4.78 -5.36 10.69
N THR A 230 5.98 -5.52 11.25
CA THR A 230 6.18 -5.39 12.70
C THR A 230 6.78 -4.04 13.11
N ASN A 231 7.25 -3.29 12.12
CA ASN A 231 7.94 -2.02 12.30
C ASN A 231 8.16 -1.43 10.92
N LEU A 232 8.31 -0.11 10.86
CA LEU A 232 8.80 0.51 9.65
C LEU A 232 10.32 0.29 9.70
N ALA A 233 10.95 0.20 8.52
CA ALA A 233 12.37 -0.13 8.46
C ALA A 233 13.27 0.99 8.97
N ALA A 234 14.51 0.61 9.28
CA ALA A 234 15.47 1.52 9.87
C ALA A 234 15.59 2.82 9.09
N GLY A 235 15.54 3.93 9.83
CA GLY A 235 15.71 5.22 9.22
C GLY A 235 14.39 5.87 8.86
N ILE A 236 13.28 5.15 8.92
N ILE A 236 13.34 5.04 8.66
CA ILE A 236 12.07 5.79 8.44
CA ILE A 236 11.99 5.45 8.30
C ILE A 236 11.50 6.68 9.55
C ILE A 236 11.19 5.55 9.59
N THR A 237 11.37 6.14 10.77
N THR A 237 11.24 4.46 10.39
CA THR A 237 10.83 6.92 11.87
CA THR A 237 10.64 4.45 11.71
C THR A 237 11.95 7.68 12.60
C THR A 237 11.16 5.63 12.53
N GLY A 238 13.20 7.22 12.48
N GLY A 238 10.34 6.07 13.48
CA GLY A 238 14.32 7.73 13.26
CA GLY A 238 10.75 7.06 14.47
C GLY A 238 14.52 7.02 14.61
C GLY A 238 10.80 6.48 15.89
N GLU A 239 13.54 6.24 15.03
N GLU A 239 10.64 5.15 16.00
CA GLU A 239 13.62 5.56 16.30
CA GLU A 239 10.75 4.45 17.26
C GLU A 239 14.43 4.28 16.11
C GLU A 239 12.05 3.66 17.24
N PRO A 240 15.11 3.78 17.15
N PRO A 240 12.64 3.35 18.42
CA PRO A 240 15.73 2.46 17.08
CA PRO A 240 13.76 2.39 18.47
C PRO A 240 14.71 1.32 17.00
C PRO A 240 13.41 1.02 17.90
N LEU A 241 15.11 0.22 16.35
N LEU A 241 14.28 0.45 17.05
CA LEU A 241 14.29 -0.99 16.25
CA LEU A 241 14.06 -0.90 16.54
C LEU A 241 14.60 -1.95 17.42
C LEU A 241 14.51 -1.91 17.59
N SER A 242 13.68 -2.85 17.76
N SER A 242 13.64 -2.88 17.80
CA SER A 242 13.96 -3.90 18.73
CA SER A 242 13.86 -3.86 18.84
C SER A 242 13.12 -5.14 18.48
N HIS A 243 13.72 -6.29 18.78
CA HIS A 243 13.09 -7.57 18.60
C HIS A 243 11.80 -7.66 19.41
N ALA A 244 11.70 -6.92 20.51
CA ALA A 244 10.47 -6.88 21.29
C ALA A 244 9.28 -6.46 20.43
N GLU A 245 9.51 -5.61 19.43
CA GLU A 245 8.47 -5.14 18.52
C GLU A 245 7.87 -6.26 17.71
N VAL A 246 8.73 -7.19 17.26
CA VAL A 246 8.29 -8.32 16.48
C VAL A 246 7.29 -9.14 17.31
N LEU A 247 7.70 -9.44 18.56
CA LEU A 247 6.90 -10.31 19.40
C LEU A 247 5.61 -9.59 19.78
N ALA A 248 5.72 -8.29 20.14
CA ALA A 248 4.54 -7.54 20.55
C ALA A 248 3.52 -7.49 19.42
N ALA A 249 3.98 -7.23 18.18
CA ALA A 249 3.08 -7.19 17.03
C ALA A 249 2.43 -8.54 16.79
N GLY A 250 3.22 -9.63 16.92
CA GLY A 250 2.69 -10.97 16.79
C GLY A 250 1.57 -11.26 17.79
N ALA A 251 1.81 -10.89 19.05
CA ALA A 251 0.81 -11.17 20.07
C ALA A 251 -0.42 -10.32 19.80
N ALA A 252 -0.25 -9.03 19.41
CA ALA A 252 -1.39 -8.14 19.21
C ALA A 252 -2.27 -8.54 18.03
N SER A 253 -1.67 -9.16 16.99
CA SER A 253 -2.32 -9.45 15.72
C SER A 253 -2.82 -10.90 15.71
N ALA A 254 -2.59 -11.67 16.80
CA ALA A 254 -2.75 -13.13 16.77
C ALA A 254 -4.11 -13.60 16.25
N THR A 255 -5.18 -13.08 16.85
CA THR A 255 -6.53 -13.47 16.48
C THR A 255 -6.83 -13.20 15.01
N ARG A 256 -6.58 -11.95 14.56
CA ARG A 256 -6.79 -11.56 13.18
CA ARG A 256 -6.77 -11.56 13.17
C ARG A 256 -5.97 -12.46 12.23
N MET A 257 -4.70 -12.70 12.56
CA MET A 257 -3.85 -13.41 11.63
C MET A 257 -4.24 -14.91 11.56
N GLY A 258 -4.55 -15.54 12.69
CA GLY A 258 -4.98 -16.92 12.66
C GLY A 258 -6.29 -17.07 11.89
N ALA A 259 -7.20 -16.13 12.10
CA ALA A 259 -8.50 -16.22 11.42
C ALA A 259 -8.34 -15.98 9.92
N LEU A 260 -7.40 -15.10 9.54
CA LEU A 260 -7.11 -14.88 8.13
C LEU A 260 -6.57 -16.14 7.47
N LEU A 261 -5.53 -16.77 8.08
CA LEU A 261 -4.98 -17.98 7.51
C LEU A 261 -6.03 -19.08 7.40
N ALA A 262 -6.86 -19.27 8.44
CA ALA A 262 -7.85 -20.32 8.34
C ALA A 262 -8.84 -20.06 7.21
N ASP A 263 -9.25 -18.80 7.06
CA ASP A 263 -10.20 -18.41 6.05
C ASP A 263 -9.66 -18.63 4.63
N VAL A 264 -8.39 -18.27 4.44
CA VAL A 264 -7.78 -18.47 3.12
C VAL A 264 -7.53 -19.94 2.81
N ILE A 265 -7.01 -20.71 3.77
CA ILE A 265 -6.72 -22.11 3.53
C ILE A 265 -7.99 -22.89 3.20
N ALA A 266 -9.12 -22.54 3.82
CA ALA A 266 -10.38 -23.21 3.49
C ALA A 266 -10.81 -23.03 2.04
N ARG A 267 -10.29 -21.98 1.35
CA ARG A 267 -10.57 -21.77 -0.06
C ARG A 267 -9.71 -22.62 -0.99
N PHE A 268 -8.61 -23.21 -0.50
CA PHE A 268 -7.76 -24.07 -1.31
C PHE A 268 -8.48 -25.32 -1.82
N PRO B 6 -4.57 43.37 -13.86
CA PRO B 6 -5.02 43.09 -12.47
C PRO B 6 -4.25 41.90 -11.86
N ASP B 7 -3.47 42.17 -10.78
CA ASP B 7 -2.57 41.21 -10.13
C ASP B 7 -3.37 40.03 -9.57
N PRO B 8 -2.80 38.80 -9.51
CA PRO B 8 -3.54 37.61 -9.05
C PRO B 8 -4.25 37.73 -7.70
N ASP B 9 -3.61 38.41 -6.74
CA ASP B 9 -4.19 38.68 -5.43
C ASP B 9 -5.50 39.46 -5.54
N GLU B 10 -5.49 40.50 -6.35
CA GLU B 10 -6.66 41.35 -6.52
C GLU B 10 -7.80 40.55 -7.14
N LEU B 11 -7.51 39.77 -8.19
CA LEU B 11 -8.53 38.94 -8.80
C LEU B 11 -9.09 37.93 -7.79
N ALA B 12 -8.23 37.34 -6.95
CA ALA B 12 -8.68 36.42 -5.92
C ALA B 12 -9.60 37.10 -4.90
N ARG B 13 -9.20 38.30 -4.41
CA ARG B 13 -10.02 39.08 -3.48
C ARG B 13 -11.37 39.44 -4.10
N ARG B 14 -11.39 39.81 -5.38
CA ARG B 14 -12.63 40.11 -6.08
C ARG B 14 -13.52 38.89 -6.23
N ALA B 15 -12.94 37.72 -6.60
CA ALA B 15 -13.75 36.51 -6.63
C ALA B 15 -14.36 36.22 -5.26
N ALA B 16 -13.55 36.34 -4.19
CA ALA B 16 -13.97 36.05 -2.83
C ALA B 16 -15.16 36.94 -2.40
N GLN B 17 -15.17 38.19 -2.92
CA GLN B 17 -16.24 39.12 -2.57
C GLN B 17 -17.55 38.65 -3.22
N VAL B 18 -17.50 38.23 -4.49
CA VAL B 18 -18.64 37.72 -5.21
C VAL B 18 -19.17 36.45 -4.53
N ILE B 19 -18.23 35.59 -4.10
CA ILE B 19 -18.61 34.35 -3.44
C ILE B 19 -19.38 34.67 -2.17
N ALA B 20 -18.85 35.59 -1.35
CA ALA B 20 -19.48 35.95 -0.07
C ALA B 20 -20.86 36.55 -0.31
N ASP B 21 -20.95 37.39 -1.34
CA ASP B 21 -22.21 38.05 -1.68
C ASP B 21 -23.22 37.02 -2.19
N ARG B 22 -22.82 36.12 -3.08
CA ARG B 22 -23.76 35.24 -3.76
C ARG B 22 -24.19 34.09 -2.85
N THR B 23 -23.36 33.74 -1.84
CA THR B 23 -23.68 32.63 -0.94
C THR B 23 -24.27 33.12 0.37
N GLY B 24 -24.08 34.41 0.69
CA GLY B 24 -24.49 34.91 1.99
C GLY B 24 -23.59 34.46 3.14
N ILE B 25 -22.40 33.88 2.84
CA ILE B 25 -21.48 33.37 3.84
C ILE B 25 -20.16 34.13 3.65
N GLY B 26 -19.72 34.82 4.71
CA GLY B 26 -18.53 35.65 4.67
C GLY B 26 -17.24 34.84 4.65
N GLU B 27 -17.21 33.67 5.30
CA GLU B 27 -16.02 32.83 5.40
C GLU B 27 -16.40 31.38 5.11
N HIS B 28 -15.69 30.76 4.15
CA HIS B 28 -15.77 29.31 3.99
C HIS B 28 -14.42 28.76 4.46
N ASP B 29 -14.42 27.90 5.48
CA ASP B 29 -13.20 27.56 6.18
C ASP B 29 -12.50 26.34 5.55
N VAL B 30 -13.16 25.66 4.61
CA VAL B 30 -12.58 24.51 3.89
C VAL B 30 -12.94 24.66 2.43
N ALA B 31 -12.03 24.30 1.52
CA ALA B 31 -12.35 24.25 0.11
C ALA B 31 -11.93 22.90 -0.48
N VAL B 32 -12.70 22.43 -1.44
CA VAL B 32 -12.49 21.14 -2.15
C VAL B 32 -12.40 21.39 -3.65
N VAL B 33 -11.33 20.87 -4.32
CA VAL B 33 -11.21 20.97 -5.76
C VAL B 33 -11.41 19.59 -6.34
N LEU B 34 -12.44 19.45 -7.20
CA LEU B 34 -12.77 18.19 -7.89
C LEU B 34 -12.45 18.38 -9.36
N GLY B 35 -11.71 17.44 -9.93
CA GLY B 35 -11.57 17.41 -11.39
C GLY B 35 -12.04 16.06 -11.94
N SER B 36 -11.62 15.74 -13.16
CA SER B 36 -12.01 14.49 -13.82
C SER B 36 -11.76 13.30 -12.89
N GLY B 37 -12.73 12.37 -12.84
CA GLY B 37 -12.67 11.24 -11.92
C GLY B 37 -13.42 11.47 -10.61
N TRP B 38 -13.61 12.75 -10.22
CA TRP B 38 -14.22 13.11 -8.96
C TRP B 38 -15.49 13.96 -9.14
N LEU B 39 -15.81 14.38 -10.36
CA LEU B 39 -16.94 15.29 -10.53
C LEU B 39 -18.24 14.64 -10.06
N PRO B 40 -18.52 13.36 -10.36
CA PRO B 40 -19.76 12.76 -9.87
C PRO B 40 -19.84 12.59 -8.36
N ALA B 41 -18.69 12.68 -7.64
CA ALA B 41 -18.66 12.60 -6.19
C ALA B 41 -19.34 13.80 -5.52
N VAL B 42 -19.54 14.90 -6.26
CA VAL B 42 -20.17 16.08 -5.68
C VAL B 42 -21.52 15.73 -5.04
N ALA B 43 -22.28 14.85 -5.71
CA ALA B 43 -23.65 14.52 -5.29
C ALA B 43 -23.66 13.83 -3.92
N ALA B 44 -22.52 13.27 -3.45
CA ALA B 44 -22.52 12.55 -2.19
C ALA B 44 -21.80 13.34 -1.09
N LEU B 45 -21.36 14.58 -1.38
CA LEU B 45 -20.63 15.38 -0.41
C LEU B 45 -21.55 16.00 0.61
N GLY B 46 -22.83 16.13 0.23
CA GLY B 46 -23.76 16.90 1.05
C GLY B 46 -24.60 17.86 0.21
N SER B 47 -25.78 18.19 0.76
CA SER B 47 -26.70 19.08 0.06
CA SER B 47 -26.71 19.09 0.08
C SER B 47 -26.16 20.50 0.11
N PRO B 48 -26.04 21.17 -1.06
CA PRO B 48 -25.53 22.55 -1.11
C PRO B 48 -26.61 23.60 -0.80
N THR B 49 -26.17 24.73 -0.23
CA THR B 49 -27.10 25.84 0.04
C THR B 49 -27.05 26.85 -1.08
N THR B 50 -25.99 26.82 -1.91
CA THR B 50 -25.85 27.68 -3.07
C THR B 50 -25.04 26.94 -4.13
N VAL B 51 -25.44 27.07 -5.39
CA VAL B 51 -24.70 26.56 -6.53
C VAL B 51 -24.61 27.66 -7.59
N LEU B 52 -23.42 27.94 -8.12
CA LEU B 52 -23.35 28.90 -9.21
C LEU B 52 -22.28 28.50 -10.22
N PRO B 53 -22.38 29.01 -11.47
CA PRO B 53 -21.35 28.73 -12.48
C PRO B 53 -20.02 29.41 -12.19
N GLN B 54 -18.91 28.66 -12.36
CA GLN B 54 -17.60 29.27 -12.15
C GLN B 54 -17.42 30.47 -13.09
N ALA B 55 -18.04 30.39 -14.27
CA ALA B 55 -17.92 31.40 -15.30
C ALA B 55 -18.48 32.75 -14.85
N GLU B 56 -19.30 32.77 -13.79
CA GLU B 56 -19.79 34.02 -13.23
C GLU B 56 -18.85 34.58 -12.17
N LEU B 57 -17.67 33.96 -11.93
CA LEU B 57 -16.76 34.43 -10.90
C LEU B 57 -15.57 35.14 -11.54
N PRO B 58 -15.17 36.32 -11.04
CA PRO B 58 -13.95 37.00 -11.53
C PRO B 58 -12.72 36.07 -11.56
N GLY B 59 -12.03 36.03 -12.72
CA GLY B 59 -10.71 35.41 -12.86
C GLY B 59 -10.74 33.91 -13.17
N PHE B 60 -11.92 33.28 -13.25
CA PHE B 60 -11.98 31.82 -13.33
C PHE B 60 -11.76 31.30 -14.75
N VAL B 61 -12.42 31.90 -15.73
CA VAL B 61 -12.33 31.40 -17.09
C VAL B 61 -11.35 32.28 -17.85
N PRO B 62 -10.32 31.71 -18.53
CA PRO B 62 -9.47 32.48 -19.44
C PRO B 62 -10.31 33.08 -20.58
N PRO B 63 -9.89 34.23 -21.18
CA PRO B 63 -10.65 34.84 -22.29
C PRO B 63 -10.76 33.92 -23.51
N THR B 64 -9.70 33.13 -23.78
CA THR B 64 -9.59 32.33 -25.00
C THR B 64 -10.11 30.91 -24.81
N ALA B 65 -10.86 30.65 -23.73
CA ALA B 65 -11.07 29.30 -23.22
C ALA B 65 -12.13 28.55 -24.05
N ALA B 66 -11.93 27.22 -24.15
CA ALA B 66 -12.95 26.30 -24.65
C ALA B 66 -14.24 26.46 -23.86
N GLY B 67 -14.11 26.95 -22.61
CA GLY B 67 -15.23 27.46 -21.84
C GLY B 67 -16.27 26.38 -21.53
N HIS B 68 -15.83 25.14 -21.28
CA HIS B 68 -16.64 24.12 -20.64
C HIS B 68 -16.31 24.10 -19.15
N ALA B 69 -16.58 25.23 -18.48
CA ALA B 69 -16.25 25.41 -17.07
C ALA B 69 -17.30 24.72 -16.19
N GLY B 70 -16.98 24.63 -14.90
CA GLY B 70 -17.78 23.89 -13.95
C GLY B 70 -18.53 24.82 -13.01
N GLU B 71 -18.70 24.35 -11.78
CA GLU B 71 -19.61 24.95 -10.82
C GLU B 71 -18.89 25.20 -9.51
N LEU B 72 -19.44 26.12 -8.73
CA LEU B 72 -19.13 26.32 -7.33
C LEU B 72 -20.37 25.99 -6.48
N LEU B 73 -20.13 25.21 -5.43
CA LEU B 73 -21.16 24.83 -4.47
C LEU B 73 -20.70 25.26 -3.09
N SER B 74 -21.64 25.73 -2.27
CA SER B 74 -21.42 26.03 -0.88
C SER B 74 -22.15 24.94 -0.08
N VAL B 75 -21.39 24.12 0.63
CA VAL B 75 -21.92 22.91 1.23
C VAL B 75 -21.59 22.93 2.71
N PRO B 76 -22.60 22.91 3.62
CA PRO B 76 -22.31 22.74 5.03
C PRO B 76 -21.98 21.29 5.39
N ILE B 77 -20.86 21.09 6.08
CA ILE B 77 -20.41 19.76 6.51
C ILE B 77 -19.97 19.91 7.97
N GLY B 78 -20.80 19.42 8.89
CA GLY B 78 -20.73 19.74 10.31
C GLY B 78 -20.75 21.24 10.59
N ALA B 79 -19.68 21.67 11.29
CA ALA B 79 -19.49 23.06 11.67
C ALA B 79 -18.86 23.85 10.51
N HIS B 80 -18.40 23.13 9.49
CA HIS B 80 -17.71 23.78 8.38
C HIS B 80 -18.64 24.28 7.30
N ARG B 81 -18.19 25.34 6.63
CA ARG B 81 -18.80 25.83 5.42
C ARG B 81 -17.80 25.61 4.28
N VAL B 82 -18.17 24.70 3.37
CA VAL B 82 -17.22 24.16 2.40
C VAL B 82 -17.48 24.76 1.02
N LEU B 83 -16.44 25.35 0.45
CA LEU B 83 -16.44 25.80 -0.93
C LEU B 83 -16.01 24.63 -1.84
N VAL B 84 -16.92 24.19 -2.70
CA VAL B 84 -16.61 23.09 -3.59
C VAL B 84 -16.44 23.65 -4.99
N LEU B 85 -15.25 23.44 -5.58
CA LEU B 85 -15.00 23.80 -6.95
C LEU B 85 -15.07 22.54 -7.80
N ALA B 86 -16.22 22.34 -8.46
CA ALA B 86 -16.46 21.16 -9.28
C ALA B 86 -16.04 21.48 -10.70
N GLY B 87 -14.79 21.11 -11.04
CA GLY B 87 -14.21 21.43 -12.32
C GLY B 87 -12.98 22.30 -12.09
N ARG B 88 -11.88 21.91 -12.73
CA ARG B 88 -10.64 22.67 -12.64
C ARG B 88 -10.11 22.90 -14.04
N ILE B 89 -9.26 23.92 -14.20
CA ILE B 89 -8.51 24.12 -15.44
C ILE B 89 -7.16 23.39 -15.28
N HIS B 90 -6.82 22.71 -16.37
CA HIS B 90 -5.61 21.91 -16.42
C HIS B 90 -4.57 22.68 -17.20
N ALA B 91 -3.32 22.46 -16.84
CA ALA B 91 -2.21 23.06 -17.55
C ALA B 91 -2.22 22.60 -19.02
N TYR B 92 -2.69 21.37 -19.31
CA TYR B 92 -2.66 20.85 -20.68
C TYR B 92 -3.62 21.61 -21.61
N GLU B 93 -4.51 22.45 -21.05
CA GLU B 93 -5.40 23.31 -21.83
C GLU B 93 -4.60 24.49 -22.40
N GLY B 94 -3.41 24.77 -21.88
CA GLY B 94 -2.50 25.70 -22.53
C GLY B 94 -2.60 27.12 -21.99
N HIS B 95 -3.25 27.31 -20.85
CA HIS B 95 -3.38 28.62 -20.21
C HIS B 95 -2.27 28.83 -19.15
N ASP B 96 -1.96 30.10 -18.85
CA ASP B 96 -0.95 30.43 -17.86
CA ASP B 96 -1.02 30.52 -17.82
C ASP B 96 -1.38 29.85 -16.50
N LEU B 97 -0.39 29.56 -15.65
CA LEU B 97 -0.68 28.90 -14.40
C LEU B 97 -1.51 29.79 -13.46
N ARG B 98 -1.51 31.12 -13.65
CA ARG B 98 -2.37 31.95 -12.80
C ARG B 98 -3.82 31.43 -12.85
N TYR B 99 -4.30 30.94 -14.01
CA TYR B 99 -5.66 30.41 -14.12
C TYR B 99 -5.81 29.01 -13.52
N VAL B 100 -4.72 28.23 -13.52
CA VAL B 100 -4.74 26.94 -12.89
C VAL B 100 -4.89 27.12 -11.36
N VAL B 101 -4.24 28.12 -10.75
CA VAL B 101 -4.24 28.18 -9.30
C VAL B 101 -5.20 29.26 -8.76
N HIS B 102 -5.73 30.10 -9.65
CA HIS B 102 -6.66 31.15 -9.21
C HIS B 102 -7.75 30.59 -8.30
N PRO B 103 -8.35 29.43 -8.57
CA PRO B 103 -9.40 28.93 -7.67
C PRO B 103 -8.92 28.69 -6.24
N VAL B 104 -7.70 28.13 -6.09
CA VAL B 104 -7.14 27.99 -4.75
C VAL B 104 -6.92 29.37 -4.10
N ARG B 105 -6.41 30.35 -4.85
CA ARG B 105 -6.18 31.68 -4.27
C ARG B 105 -7.51 32.36 -3.89
N ALA B 106 -8.51 32.20 -4.74
CA ALA B 106 -9.85 32.73 -4.46
C ALA B 106 -10.43 32.07 -3.20
N ALA B 107 -10.26 30.74 -3.07
CA ALA B 107 -10.77 30.01 -1.94
C ALA B 107 -10.10 30.51 -0.65
N ARG B 108 -8.79 30.74 -0.69
CA ARG B 108 -8.09 31.27 0.45
C ARG B 108 -8.62 32.66 0.85
N ALA B 109 -8.86 33.52 -0.13
CA ALA B 109 -9.37 34.88 0.12
C ALA B 109 -10.80 34.81 0.69
N ALA B 110 -11.55 33.76 0.34
CA ALA B 110 -12.88 33.48 0.86
C ALA B 110 -12.88 32.80 2.23
N GLY B 111 -11.69 32.54 2.82
CA GLY B 111 -11.55 32.08 4.18
C GLY B 111 -10.96 30.67 4.35
N ALA B 112 -10.65 29.97 3.25
CA ALA B 112 -10.28 28.57 3.40
C ALA B 112 -8.92 28.39 4.08
N GLN B 113 -8.92 27.64 5.18
CA GLN B 113 -7.73 27.30 5.94
C GLN B 113 -7.15 25.96 5.48
N ILE B 114 -8.01 25.14 4.85
CA ILE B 114 -7.70 23.79 4.39
C ILE B 114 -8.23 23.66 2.98
N MET B 115 -7.35 23.16 2.10
CA MET B 115 -7.69 22.83 0.72
C MET B 115 -7.63 21.30 0.59
N VAL B 116 -8.74 20.68 0.14
CA VAL B 116 -8.78 19.27 -0.19
C VAL B 116 -8.65 19.18 -1.71
N LEU B 117 -7.49 18.71 -2.21
CA LEU B 117 -7.23 18.65 -3.63
C LEU B 117 -7.35 17.19 -4.09
N THR B 118 -8.31 16.93 -5.00
CA THR B 118 -8.53 15.58 -5.49
C THR B 118 -7.96 15.48 -6.90
N ASN B 119 -7.66 14.24 -7.32
CA ASN B 119 -7.28 14.00 -8.70
C ASN B 119 -7.50 12.53 -9.04
N ALA B 120 -7.46 12.29 -10.36
CA ALA B 120 -7.36 10.93 -10.91
C ALA B 120 -5.87 10.60 -11.07
N ALA B 121 -5.51 9.33 -10.95
CA ALA B 121 -4.12 8.97 -11.13
C ALA B 121 -3.98 7.56 -11.68
N GLY B 122 -2.87 7.34 -12.39
CA GLY B 122 -2.40 6.00 -12.68
C GLY B 122 -1.53 5.44 -11.57
N GLY B 123 -1.75 4.16 -11.25
CA GLY B 123 -1.00 3.52 -10.19
C GLY B 123 0.34 2.99 -10.68
N LEU B 124 1.45 3.29 -9.97
CA LEU B 124 2.78 2.81 -10.36
CA LEU B 124 2.76 2.78 -10.38
C LEU B 124 3.18 1.59 -9.54
N ARG B 125 2.35 1.16 -8.60
CA ARG B 125 2.54 -0.10 -7.89
CA ARG B 125 2.49 -0.07 -7.79
C ARG B 125 1.49 -1.09 -8.35
N ALA B 126 1.90 -2.34 -8.68
CA ALA B 126 0.98 -3.34 -9.25
C ALA B 126 -0.12 -3.76 -8.26
N ASP B 127 0.05 -3.50 -6.96
CA ASP B 127 -0.98 -3.94 -5.99
C ASP B 127 -2.07 -2.89 -5.80
N LEU B 128 -1.95 -1.71 -6.41
CA LEU B 128 -3.04 -0.75 -6.29
C LEU B 128 -4.20 -1.25 -7.13
N GLN B 129 -5.42 -0.83 -6.82
CA GLN B 129 -6.63 -1.32 -7.50
C GLN B 129 -7.39 -0.13 -8.10
N VAL B 130 -8.05 -0.35 -9.24
CA VAL B 130 -8.95 0.65 -9.79
C VAL B 130 -10.08 0.92 -8.79
N GLY B 131 -10.35 2.20 -8.58
CA GLY B 131 -11.35 2.67 -7.64
C GLY B 131 -10.81 2.86 -6.22
N GLN B 132 -9.49 2.67 -6.02
CA GLN B 132 -8.92 2.85 -4.70
C GLN B 132 -8.54 4.30 -4.47
N PRO B 133 -8.94 4.92 -3.36
CA PRO B 133 -8.45 6.23 -2.94
C PRO B 133 -7.07 6.08 -2.30
N VAL B 134 -6.17 7.03 -2.58
CA VAL B 134 -4.83 7.01 -1.99
C VAL B 134 -4.53 8.44 -1.56
N LEU B 135 -4.15 8.58 -0.31
CA LEU B 135 -3.74 9.87 0.24
C LEU B 135 -2.37 10.21 -0.36
N ILE B 136 -2.18 11.48 -0.69
CA ILE B 136 -0.91 11.95 -1.22
C ILE B 136 -0.03 12.32 -0.04
N SER B 137 1.13 11.65 0.08
CA SER B 137 2.08 11.93 1.15
C SER B 137 3.11 12.99 0.74
N ASP B 138 3.35 13.09 -0.57
CA ASP B 138 4.31 14.04 -1.12
C ASP B 138 4.12 14.02 -2.63
N HIS B 139 4.80 14.93 -3.31
CA HIS B 139 4.70 14.99 -4.75
C HIS B 139 6.06 15.21 -5.39
N LEU B 140 6.08 14.87 -6.69
CA LEU B 140 7.18 15.23 -7.61
C LEU B 140 6.60 16.14 -8.69
N ASN B 141 7.05 17.36 -8.75
CA ASN B 141 6.62 18.31 -9.77
C ASN B 141 7.54 18.16 -10.97
N LEU B 142 7.05 17.46 -12.01
CA LEU B 142 7.86 17.15 -13.19
C LEU B 142 7.37 17.96 -14.37
N THR B 143 6.94 19.18 -14.10
CA THR B 143 6.42 20.07 -15.14
C THR B 143 7.41 21.15 -15.58
N ALA B 144 8.48 21.35 -14.80
CA ALA B 144 9.50 22.38 -15.01
C ALA B 144 8.91 23.78 -14.89
N ARG B 145 7.78 23.88 -14.18
CA ARG B 145 7.09 25.15 -13.98
C ARG B 145 6.79 25.33 -12.49
N SER B 146 6.44 26.56 -12.15
CA SER B 146 5.97 26.95 -10.84
C SER B 146 4.86 27.99 -11.01
N PRO B 147 3.84 28.02 -10.14
CA PRO B 147 2.89 29.15 -10.17
C PRO B 147 3.37 30.40 -9.44
N LEU B 148 4.54 30.34 -8.81
CA LEU B 148 5.01 31.44 -7.98
C LEU B 148 6.01 32.28 -8.77
N VAL B 149 6.30 33.49 -8.24
CA VAL B 149 7.32 34.37 -8.82
C VAL B 149 8.35 34.84 -7.77
N GLY B 150 9.23 35.77 -8.15
CA GLY B 150 10.27 36.16 -7.21
C GLY B 150 9.71 36.65 -5.89
N GLY B 151 10.33 36.22 -4.79
CA GLY B 151 9.92 36.63 -3.47
C GLY B 151 8.95 35.66 -2.83
N GLU B 152 8.52 34.66 -3.62
CA GLU B 152 7.66 33.65 -3.05
C GLU B 152 8.41 32.34 -2.90
N PHE B 153 9.24 32.25 -1.86
CA PHE B 153 10.17 31.12 -1.72
C PHE B 153 9.68 30.13 -0.67
N VAL B 154 8.63 29.39 -1.01
CA VAL B 154 7.83 28.62 -0.05
C VAL B 154 8.50 27.27 0.27
N ASP B 155 8.53 26.93 1.56
CA ASP B 155 8.93 25.63 2.04
C ASP B 155 7.80 24.62 1.79
N LEU B 156 8.14 23.50 1.12
CA LEU B 156 7.18 22.45 0.80
C LEU B 156 7.37 21.20 1.65
N THR B 157 8.11 21.31 2.75
CA THR B 157 8.16 20.23 3.73
C THR B 157 6.76 20.10 4.36
N ASP B 158 6.27 18.88 4.47
CA ASP B 158 4.92 18.65 4.98
C ASP B 158 3.88 19.45 4.21
N ALA B 159 4.08 19.59 2.90
CA ALA B 159 3.06 20.24 2.05
C ALA B 159 1.70 19.55 2.18
N TYR B 160 1.73 18.21 2.25
CA TYR B 160 0.53 17.38 2.45
C TYR B 160 0.50 17.07 3.95
N SER B 161 -0.18 17.97 4.68
CA SER B 161 -0.23 17.97 6.13
C SER B 161 -0.30 16.56 6.70
N PRO B 162 0.70 16.15 7.50
CA PRO B 162 0.62 14.89 8.22
C PRO B 162 -0.63 14.77 9.12
N ARG B 163 -0.98 15.88 9.78
CA ARG B 163 -2.13 15.91 10.67
C ARG B 163 -3.40 15.57 9.90
N LEU B 164 -3.59 16.12 8.69
CA LEU B 164 -4.82 15.85 7.95
C LEU B 164 -4.86 14.43 7.40
N ARG B 165 -3.69 13.89 7.01
CA ARG B 165 -3.63 12.48 6.63
C ARG B 165 -4.03 11.56 7.80
N GLU B 166 -3.59 11.91 9.02
CA GLU B 166 -3.95 11.13 10.20
CA GLU B 166 -3.94 11.16 10.22
C GLU B 166 -5.45 11.21 10.46
N LEU B 167 -6.06 12.37 10.29
CA LEU B 167 -7.52 12.50 10.41
C LEU B 167 -8.23 11.63 9.37
N ALA B 168 -7.68 11.61 8.13
CA ALA B 168 -8.26 10.78 7.11
C ALA B 168 -8.22 9.30 7.47
N ARG B 169 -7.13 8.86 8.10
CA ARG B 169 -7.02 7.46 8.51
C ARG B 169 -7.89 7.19 9.74
N GLN B 170 -8.37 8.21 10.45
CA GLN B 170 -9.39 7.98 11.49
CA GLN B 170 -9.39 7.98 11.48
C GLN B 170 -10.72 7.59 10.84
N SER B 171 -11.03 8.19 9.69
CA SER B 171 -12.20 7.81 8.91
CA SER B 171 -12.19 7.82 8.90
C SER B 171 -12.04 6.40 8.36
N ASP B 172 -10.87 6.12 7.73
CA ASP B 172 -10.64 4.83 7.12
C ASP B 172 -9.19 4.42 7.40
N PRO B 173 -8.92 3.61 8.43
CA PRO B 173 -7.57 3.28 8.80
C PRO B 173 -6.78 2.49 7.75
N GLN B 174 -7.45 1.94 6.74
CA GLN B 174 -6.77 1.16 5.71
C GLN B 174 -6.35 2.02 4.53
N LEU B 175 -6.59 3.34 4.55
CA LEU B 175 -6.17 4.18 3.44
C LEU B 175 -4.67 4.08 3.19
N ALA B 176 -4.34 3.75 1.93
CA ALA B 176 -2.98 3.85 1.46
C ALA B 176 -2.56 5.31 1.32
N GLU B 177 -1.23 5.52 1.27
CA GLU B 177 -0.64 6.82 1.00
C GLU B 177 0.51 6.62 0.00
N GLY B 178 0.79 7.64 -0.80
CA GLY B 178 1.91 7.55 -1.73
C GLY B 178 2.26 8.87 -2.38
N VAL B 179 3.37 8.83 -3.13
CA VAL B 179 3.96 9.99 -3.80
C VAL B 179 3.34 10.15 -5.18
N TYR B 180 2.80 11.33 -5.46
CA TYR B 180 2.16 11.68 -6.71
C TYR B 180 3.14 12.46 -7.60
N ALA B 181 3.37 11.96 -8.81
CA ALA B 181 4.10 12.65 -9.84
C ALA B 181 3.14 13.42 -10.75
N GLY B 182 3.33 14.74 -10.77
CA GLY B 182 2.58 15.66 -11.62
C GLY B 182 3.30 15.95 -12.92
N LEU B 183 2.71 15.49 -14.04
CA LEU B 183 3.24 15.70 -15.36
C LEU B 183 2.35 16.67 -16.13
N PRO B 184 2.89 17.24 -17.22
CA PRO B 184 2.09 18.16 -18.05
C PRO B 184 0.87 17.51 -18.72
N GLY B 185 1.02 16.28 -19.22
CA GLY B 185 0.00 15.72 -20.10
C GLY B 185 -0.12 16.49 -21.41
N PRO B 186 -1.17 16.22 -22.24
CA PRO B 186 -2.26 15.29 -21.93
C PRO B 186 -2.13 13.86 -22.43
N HIS B 187 -1.02 13.57 -23.11
CA HIS B 187 -0.73 12.18 -23.51
C HIS B 187 -0.45 11.34 -22.28
N TYR B 188 -0.78 10.06 -22.35
CA TYR B 188 -0.37 9.09 -21.34
C TYR B 188 1.14 8.89 -21.48
N GLU B 189 1.73 8.28 -20.45
CA GLU B 189 3.16 7.97 -20.46
C GLU B 189 3.47 6.72 -21.26
N THR B 190 4.69 6.67 -21.79
CA THR B 190 5.16 5.41 -22.36
C THR B 190 5.51 4.46 -21.22
N PRO B 191 5.55 3.14 -21.48
CA PRO B 191 6.08 2.21 -20.48
C PRO B 191 7.48 2.54 -19.96
N ALA B 192 8.36 3.02 -20.86
CA ALA B 192 9.69 3.42 -20.43
C ALA B 192 9.61 4.63 -19.48
N GLU B 193 8.72 5.58 -19.77
CA GLU B 193 8.55 6.73 -18.87
C GLU B 193 8.05 6.29 -17.50
N ILE B 194 7.19 5.27 -17.47
CA ILE B 194 6.68 4.72 -16.20
C ILE B 194 7.81 4.05 -15.40
N ARG B 195 8.68 3.29 -16.03
CA ARG B 195 9.82 2.70 -15.36
C ARG B 195 10.67 3.82 -14.77
N MET B 196 10.86 4.91 -15.54
CA MET B 196 11.62 6.06 -15.06
C MET B 196 10.96 6.67 -13.81
N LEU B 197 9.63 6.84 -13.83
CA LEU B 197 8.93 7.41 -12.66
C LEU B 197 9.03 6.49 -11.46
N GLN B 198 9.09 5.17 -11.68
CA GLN B 198 9.31 4.23 -10.56
C GLN B 198 10.68 4.49 -9.92
N THR B 199 11.70 4.66 -10.77
CA THR B 199 13.05 4.96 -10.29
C THR B 199 13.08 6.27 -9.50
N LEU B 200 12.28 7.26 -9.91
CA LEU B 200 12.26 8.60 -9.30
C LEU B 200 11.46 8.59 -8.01
N GLY B 201 10.80 7.48 -7.69
CA GLY B 201 10.12 7.30 -6.40
C GLY B 201 8.61 7.58 -6.36
N ALA B 202 7.94 7.68 -7.51
CA ALA B 202 6.49 7.92 -7.56
C ALA B 202 5.71 6.61 -7.35
N ASP B 203 4.56 6.76 -6.70
CA ASP B 203 3.56 5.72 -6.56
C ASP B 203 2.32 5.96 -7.45
N LEU B 204 2.09 7.20 -7.88
CA LEU B 204 0.91 7.65 -8.61
C LEU B 204 1.37 8.64 -9.67
N VAL B 205 0.69 8.70 -10.79
CA VAL B 205 1.01 9.67 -11.85
C VAL B 205 -0.28 10.36 -12.31
N GLY B 206 -0.21 11.67 -12.49
CA GLY B 206 -1.36 12.42 -12.98
C GLY B 206 -0.97 13.73 -13.64
N MET B 207 -1.99 14.55 -13.90
CA MET B 207 -1.89 15.71 -14.77
C MET B 207 -2.33 17.01 -14.09
N SER B 208 -2.32 17.06 -12.76
CA SER B 208 -2.83 18.20 -12.02
C SER B 208 -2.06 18.38 -10.72
N THR B 209 -2.64 19.19 -9.83
CA THR B 209 -2.41 19.16 -8.39
C THR B 209 -1.15 19.89 -7.92
N VAL B 210 -0.01 19.64 -8.55
CA VAL B 210 1.23 20.10 -7.93
C VAL B 210 1.26 21.62 -7.82
N HIS B 211 0.78 22.33 -8.84
CA HIS B 211 0.78 23.79 -8.78
C HIS B 211 -0.20 24.29 -7.72
N GLU B 212 -1.37 23.65 -7.65
CA GLU B 212 -2.41 23.99 -6.67
CA GLU B 212 -2.39 24.03 -6.68
C GLU B 212 -1.85 23.86 -5.26
N THR B 213 -1.12 22.75 -4.98
CA THR B 213 -0.51 22.57 -3.68
C THR B 213 0.52 23.67 -3.37
N ILE B 214 1.36 23.97 -4.36
CA ILE B 214 2.39 24.99 -4.13
C ILE B 214 1.71 26.33 -3.85
N ALA B 215 0.67 26.69 -4.62
CA ALA B 215 -0.03 27.97 -4.44
C ALA B 215 -0.73 27.97 -3.08
N ALA B 216 -1.34 26.83 -2.68
CA ALA B 216 -2.01 26.76 -1.39
C ALA B 216 -1.04 27.00 -0.23
N ARG B 217 0.13 26.36 -0.28
CA ARG B 217 1.12 26.48 0.79
C ARG B 217 1.66 27.91 0.82
N ALA B 218 1.93 28.50 -0.34
CA ALA B 218 2.40 29.89 -0.40
C ALA B 218 1.36 30.82 0.23
N ALA B 219 0.08 30.49 0.07
CA ALA B 219 -0.99 31.34 0.61
C ALA B 219 -1.26 31.06 2.08
N GLY B 220 -0.65 30.02 2.65
CA GLY B 220 -0.75 29.68 4.07
C GLY B 220 -1.85 28.68 4.42
N ALA B 221 -2.46 28.01 3.44
CA ALA B 221 -3.43 26.94 3.69
C ALA B 221 -2.75 25.57 3.84
N GLU B 222 -3.36 24.71 4.67
CA GLU B 222 -2.98 23.31 4.79
C GLU B 222 -3.67 22.54 3.65
N VAL B 223 -3.04 21.42 3.23
CA VAL B 223 -3.51 20.64 2.09
C VAL B 223 -3.69 19.18 2.44
N LEU B 224 -4.85 18.61 2.04
CA LEU B 224 -5.08 17.18 1.98
C LEU B 224 -5.22 16.82 0.50
N GLY B 225 -4.38 15.91 0.01
CA GLY B 225 -4.44 15.45 -1.38
C GLY B 225 -4.96 14.02 -1.42
N VAL B 226 -5.92 13.78 -2.33
CA VAL B 226 -6.49 12.44 -2.49
C VAL B 226 -6.54 12.08 -3.98
N SER B 227 -5.89 10.99 -4.34
CA SER B 227 -5.96 10.41 -5.67
C SER B 227 -6.99 9.28 -5.73
N LEU B 228 -7.68 9.17 -6.85
CA LEU B 228 -8.45 7.98 -7.20
C LEU B 228 -7.68 7.24 -8.28
N VAL B 229 -7.29 6.00 -8.01
CA VAL B 229 -6.60 5.19 -8.99
C VAL B 229 -7.62 4.79 -10.06
N THR B 230 -7.41 5.22 -11.29
CA THR B 230 -8.33 4.89 -12.38
C THR B 230 -7.81 3.78 -13.29
N ASN B 231 -6.52 3.43 -13.15
CA ASN B 231 -5.85 2.47 -13.99
C ASN B 231 -4.48 2.21 -13.36
N LEU B 232 -3.90 1.04 -13.63
CA LEU B 232 -2.45 0.90 -13.44
C LEU B 232 -1.75 1.59 -14.62
N ALA B 233 -0.54 2.10 -14.37
CA ALA B 233 0.14 2.93 -15.36
C ALA B 233 0.62 2.06 -16.54
N ALA B 234 1.04 2.75 -17.59
CA ALA B 234 1.49 2.12 -18.82
C ALA B 234 2.60 1.10 -18.53
N GLY B 235 2.45 -0.10 -19.13
CA GLY B 235 3.38 -1.18 -18.98
C GLY B 235 3.16 -2.06 -17.77
N ILE B 236 2.35 -1.60 -16.81
CA ILE B 236 1.90 -2.39 -15.67
C ILE B 236 0.49 -2.89 -15.95
N THR B 237 -0.44 -1.99 -16.37
CA THR B 237 -1.79 -2.37 -16.75
C THR B 237 -1.77 -3.42 -17.88
N GLY B 238 -2.82 -4.24 -17.87
CA GLY B 238 -3.05 -5.16 -18.98
C GLY B 238 -4.18 -4.71 -19.91
N GLU B 239 -4.67 -3.49 -19.68
CA GLU B 239 -5.78 -2.94 -20.45
C GLU B 239 -5.28 -1.74 -21.25
N PRO B 240 -5.92 -1.43 -22.39
CA PRO B 240 -5.68 -0.16 -23.07
C PRO B 240 -5.86 1.01 -22.13
N LEU B 241 -4.98 2.02 -22.23
CA LEU B 241 -5.23 3.19 -21.43
C LEU B 241 -6.18 4.09 -22.23
N SER B 242 -7.20 4.60 -21.54
N SER B 242 -7.24 4.56 -21.58
CA SER B 242 -8.23 5.37 -22.18
CA SER B 242 -8.17 5.45 -22.24
C SER B 242 -8.88 6.33 -21.18
C SER B 242 -8.87 6.32 -21.22
N HIS B 243 -9.20 7.53 -21.65
CA HIS B 243 -9.96 8.47 -20.84
C HIS B 243 -11.28 7.86 -20.34
N ALA B 244 -11.82 6.88 -21.09
CA ALA B 244 -13.04 6.21 -20.65
C ALA B 244 -12.85 5.54 -19.29
N GLU B 245 -11.63 5.11 -18.98
CA GLU B 245 -11.33 4.52 -17.67
C GLU B 245 -11.47 5.52 -16.53
N VAL B 246 -11.05 6.77 -16.77
CA VAL B 246 -11.15 7.82 -15.78
C VAL B 246 -12.61 8.12 -15.47
N LEU B 247 -13.41 8.30 -16.51
CA LEU B 247 -14.82 8.65 -16.32
C LEU B 247 -15.58 7.48 -15.68
N ALA B 248 -15.27 6.25 -16.10
CA ALA B 248 -15.99 5.08 -15.57
C ALA B 248 -15.67 4.84 -14.09
N ALA B 249 -14.38 4.98 -13.72
CA ALA B 249 -13.98 4.79 -12.33
C ALA B 249 -14.62 5.89 -11.47
N GLY B 250 -14.71 7.10 -12.04
CA GLY B 250 -15.36 8.21 -11.36
C GLY B 250 -16.82 7.89 -11.05
N ALA B 251 -17.50 7.39 -12.08
CA ALA B 251 -18.93 7.11 -11.95
C ALA B 251 -19.15 6.01 -10.92
N ALA B 252 -18.34 4.94 -11.00
CA ALA B 252 -18.50 3.78 -10.15
C ALA B 252 -18.13 4.08 -8.70
N SER B 253 -17.22 5.03 -8.48
CA SER B 253 -16.65 5.30 -7.15
C SER B 253 -17.29 6.52 -6.49
N ALA B 254 -18.18 7.20 -7.19
CA ALA B 254 -18.63 8.55 -6.83
C ALA B 254 -19.19 8.61 -5.40
N THR B 255 -20.14 7.72 -5.06
CA THR B 255 -20.78 7.79 -3.75
C THR B 255 -19.75 7.52 -2.65
N ARG B 256 -18.97 6.45 -2.82
CA ARG B 256 -17.95 6.07 -1.86
C ARG B 256 -16.96 7.22 -1.63
N MET B 257 -16.56 7.89 -2.70
CA MET B 257 -15.59 8.99 -2.61
C MET B 257 -16.17 10.26 -1.99
N GLY B 258 -17.40 10.64 -2.40
CA GLY B 258 -18.02 11.84 -1.81
C GLY B 258 -18.33 11.66 -0.33
N ALA B 259 -18.78 10.47 0.05
CA ALA B 259 -19.06 10.16 1.45
C ALA B 259 -17.78 10.12 2.27
N LEU B 260 -16.69 9.58 1.69
CA LEU B 260 -15.39 9.59 2.36
C LEU B 260 -14.95 11.04 2.64
N LEU B 261 -14.98 11.89 1.62
CA LEU B 261 -14.55 13.28 1.79
C LEU B 261 -15.39 13.96 2.87
N ALA B 262 -16.74 13.74 2.82
CA ALA B 262 -17.59 14.37 3.83
C ALA B 262 -17.23 13.91 5.25
N ASP B 263 -16.93 12.62 5.41
CA ASP B 263 -16.60 12.05 6.70
C ASP B 263 -15.27 12.59 7.23
N VAL B 264 -14.32 12.76 6.30
CA VAL B 264 -13.02 13.29 6.68
C VAL B 264 -13.14 14.77 7.02
N ILE B 265 -13.82 15.56 6.17
CA ILE B 265 -13.91 17.00 6.39
C ILE B 265 -14.57 17.29 7.75
N ALA B 266 -15.56 16.49 8.13
CA ALA B 266 -16.22 16.70 9.42
C ALA B 266 -15.27 16.57 10.62
N ARG B 267 -14.14 15.87 10.45
CA ARG B 267 -13.14 15.74 11.49
C ARG B 267 -12.16 16.91 11.58
N PHE B 268 -12.16 17.81 10.58
CA PHE B 268 -11.25 18.96 10.58
C PHE B 268 -11.65 19.92 11.70
N1 JU9 C . 11.50 -6.45 11.14
N3 JU9 C . 14.17 -8.13 9.44
C4 JU9 C . 13.68 -12.77 13.28
C5 JU9 C . 12.92 -12.27 12.23
C6 JU9 C . 12.22 -13.18 11.32
C7 JU9 C . 11.49 -14.18 11.70
C8 JU9 C . 12.89 -10.89 11.98
C10 JU9 C . 11.08 -7.74 11.29
C13 JU9 C . 14.91 -7.13 9.07
C15 JU9 C . 13.55 -10.03 12.87
C1 JU9 C . 14.99 -8.34 14.59
O1 JU9 C . 14.97 -9.74 14.82
C2 JU9 C . 14.26 -10.54 13.95
C3 JU9 C . 14.35 -11.91 14.14
P1 JU9 C . 10.41 -15.05 10.67
O2 JU9 C . 10.65 -14.71 9.18
O3 JU9 C . 8.96 -14.73 10.93
O4 JU9 C . 10.68 -16.51 10.86
S1 JU9 C . 11.93 -10.32 10.63
C9 JU9 C . 12.00 -8.59 10.71
C11 JU9 C . 12.70 -6.44 10.44
C12 JU9 C . 13.48 -5.36 9.99
O5 JU9 C . 13.26 -4.17 10.13
N2 JU9 C . 14.62 -5.81 9.30
C14 JU9 C . 13.03 -7.78 10.15
C1 GOL D . 4.41 -10.93 -9.54
O1 GOL D . 3.03 -10.61 -9.41
C2 GOL D . 4.62 -12.09 -10.51
O2 GOL D . 3.86 -13.27 -10.03
C3 GOL D . 6.13 -12.37 -10.67
O3 GOL D . 6.48 -13.47 -11.53
CL CL E . 6.21 -15.14 17.71
CL CL F . 10.67 -19.12 14.78
CL CL G . 7.81 1.42 13.59
NA NA H . 12.61 -23.31 7.60
C1 GOL I . 23.44 -9.87 -2.28
O1 GOL I . 23.36 -10.86 -3.31
C2 GOL I . 24.82 -9.86 -1.62
O2 GOL I . 25.83 -9.84 -2.63
C3 GOL I . 25.02 -8.69 -0.67
O3 GOL I . 23.84 -7.91 -0.53
C1 GOL J . 22.09 -7.15 -5.06
O1 GOL J . 22.34 -8.49 -5.45
C2 GOL J . 22.96 -6.71 -3.89
O2 GOL J . 23.83 -5.67 -4.34
C3 GOL J . 22.14 -6.22 -2.71
O3 GOL J . 22.79 -6.43 -1.45
N1 JU9 K . -4.48 7.98 -15.17
N3 JU9 K . -2.31 10.69 -15.93
C4 JU9 K . -7.27 14.13 -17.00
C5 JU9 K . -6.64 13.58 -15.89
C6 JU9 K . -6.66 14.31 -14.61
C7 JU9 K . -7.64 15.01 -14.19
C8 JU9 K . -5.96 12.38 -16.00
C10 JU9 K . -5.26 8.99 -14.74
C13 JU9 K . -1.28 10.07 -16.40
C15 JU9 K . -5.93 11.71 -17.21
C1 JU9 K . -6.64 10.25 -19.58
O1 JU9 K . -6.66 11.64 -19.52
C2 JU9 K . -6.60 12.25 -18.30
C3 JU9 K . -7.22 13.48 -18.20
P1 JU9 K . -7.73 15.65 -12.62
O2 JU9 K . -6.36 15.68 -11.90
O3 JU9 K . -8.31 17.02 -12.66
O4 JU9 K . -8.61 14.75 -11.76
S1 JU9 K . -5.23 11.76 -14.53
C9 JU9 K . -4.62 10.18 -14.96
C11 JU9 K . -3.29 8.49 -15.66
C12 JU9 K . -2.14 7.82 -16.13
O5 JU9 K . -2.00 6.61 -16.30
N2 JU9 K . -1.17 8.74 -16.52
C14 JU9 K . -3.34 9.88 -15.53
C1 GOL L . 6.33 13.11 4.91
C1 GOL L . 5.92 12.71 4.70
O1 GOL L . 5.24 12.43 4.26
O1 GOL L . 5.52 12.76 3.33
C2 GOL L . 6.27 14.62 4.82
C2 GOL L . 6.27 14.08 5.24
O2 GOL L . 4.92 15.11 4.92
O2 GOL L . 5.08 14.88 5.35
C3 GOL L . 6.97 15.19 3.59
C3 GOL L . 7.31 14.84 4.42
O3 GOL L . 7.48 16.51 3.86
O3 GOL L . 8.38 14.02 3.99
C1 GOL M . -11.71 -2.39 -3.70
O1 GOL M . -11.23 -3.71 -3.41
C2 GOL M . -10.62 -1.45 -4.22
O2 GOL M . -11.15 -0.62 -5.27
C3 GOL M . -9.97 -0.62 -3.12
O3 GOL M . -10.73 0.55 -2.74
CL CL N . -5.54 -1.27 -14.96
CL CL O . -15.52 12.89 -13.95
CL CL P . -12.30 19.05 -14.54
CL CL Q . 0.99 18.41 10.46
#